data_8B2F
#
_entry.id   8B2F
#
_cell.length_a   26.105
_cell.length_b   27.234
_cell.length_c   50.039
_cell.angle_alpha   76.679
_cell.angle_beta   81.267
_cell.angle_gamma   72.662
#
_symmetry.space_group_name_H-M   'P 1'
#
loop_
_entity.id
_entity.type
_entity.pdbx_description
1 polymer 'SH3-like cell wall binding domain-containing protein'
2 polymer GLY-GLY-GLY
3 non-polymer 1,2-ETHANEDIOL
4 non-polymer 'ZINC ION'
5 water water
#
loop_
_entity_poly.entity_id
_entity_poly.type
_entity_poly.pdbx_seq_one_letter_code
_entity_poly.pdbx_strand_id
1 'polypeptide(L)' YPVKTDLHCRSSPSTSASIVRTYSSGTEVQIQCQTTGTSVQGSNVWDKTQHGCYVADYYVKTGHSGIFTTKCGS A,B
2 'polypeptide(L)' GGG H,T
#
# COMPACT_ATOMS: atom_id res chain seq x y z
N TYR A 1 -12.27 -9.44 13.35
CA TYR A 1 -12.21 -7.98 13.56
C TYR A 1 -12.09 -7.32 12.20
N PRO A 2 -12.76 -6.18 11.96
CA PRO A 2 -12.62 -5.50 10.67
C PRO A 2 -11.33 -4.68 10.61
N VAL A 3 -10.72 -4.68 9.43
CA VAL A 3 -9.63 -3.75 9.17
C VAL A 3 -10.26 -2.37 8.90
N LYS A 4 -9.55 -1.31 9.32
CA LYS A 4 -10.10 0.04 9.35
C LYS A 4 -9.94 0.80 8.03
N THR A 5 -9.07 0.28 7.17
CA THR A 5 -8.73 0.90 5.90
C THR A 5 -8.23 -0.22 5.00
N ASP A 6 -7.95 0.09 3.72
CA ASP A 6 -7.27 -0.89 2.89
C ASP A 6 -5.91 -1.11 3.56
N LEU A 7 -5.58 -2.37 3.85
CA LEU A 7 -4.49 -2.64 4.78
C LEU A 7 -3.59 -3.73 4.23
N HIS A 8 -2.29 -3.41 4.09
CA HIS A 8 -1.34 -4.39 3.61
C HIS A 8 -1.07 -5.46 4.65
N CYS A 9 -0.86 -6.67 4.13
CA CYS A 9 -0.52 -7.83 4.94
C CYS A 9 0.83 -8.34 4.41
N ARG A 10 1.87 -8.25 5.25
CA ARG A 10 3.24 -8.32 4.79
C ARG A 10 3.93 -9.58 5.30
N SER A 11 5.08 -9.89 4.69
CA SER A 11 5.77 -11.15 4.97
C SER A 11 6.45 -11.15 6.33
N SER A 12 6.72 -9.95 6.86
CA SER A 12 7.26 -9.73 8.19
C SER A 12 6.58 -8.48 8.74
N PRO A 13 6.65 -8.23 10.07
CA PRO A 13 6.00 -7.04 10.64
C PRO A 13 6.85 -5.79 10.52
N SER A 14 7.01 -5.36 9.28
CA SER A 14 7.78 -4.17 8.93
C SER A 14 7.12 -3.54 7.70
N THR A 15 7.03 -2.21 7.68
CA THR A 15 6.45 -1.53 6.54
C THR A 15 7.35 -1.53 5.30
N SER A 16 8.55 -2.11 5.42
CA SER A 16 9.36 -2.32 4.24
C SER A 16 9.34 -3.77 3.78
N ALA A 17 8.66 -4.67 4.51
CA ALA A 17 8.59 -6.06 4.12
C ALA A 17 7.64 -6.23 2.95
N SER A 18 7.87 -7.28 2.15
CA SER A 18 7.05 -7.52 0.98
C SER A 18 5.57 -7.65 1.33
N ILE A 19 4.72 -7.10 0.45
CA ILE A 19 3.29 -7.23 0.57
C ILE A 19 2.83 -8.55 -0.04
N VAL A 20 2.20 -9.36 0.79
CA VAL A 20 1.64 -10.65 0.41
C VAL A 20 0.25 -10.47 -0.20
N ARG A 21 -0.58 -9.66 0.46
CA ARG A 21 -1.92 -9.35 0.02
C ARG A 21 -2.34 -8.06 0.71
N THR A 22 -3.42 -7.45 0.20
CA THR A 22 -3.97 -6.23 0.76
C THR A 22 -5.45 -6.46 1.00
N TYR A 23 -5.88 -6.23 2.23
CA TYR A 23 -7.29 -6.37 2.59
C TYR A 23 -8.04 -5.09 2.26
N SER A 24 -9.21 -5.18 1.62
CA SER A 24 -10.06 -4.04 1.43
C SER A 24 -10.65 -3.62 2.79
N SER A 25 -10.85 -2.31 2.95
CA SER A 25 -11.40 -1.75 4.16
C SER A 25 -12.64 -2.53 4.62
N GLY A 26 -12.66 -2.85 5.90
CA GLY A 26 -13.74 -3.55 6.59
C GLY A 26 -13.63 -5.07 6.51
N THR A 27 -12.69 -5.63 5.75
CA THR A 27 -12.52 -7.07 5.68
C THR A 27 -12.31 -7.64 7.08
N GLU A 28 -12.98 -8.76 7.35
CA GLU A 28 -12.83 -9.49 8.59
C GLU A 28 -11.51 -10.26 8.63
N VAL A 29 -10.73 -10.03 9.69
CA VAL A 29 -9.52 -10.78 9.92
C VAL A 29 -9.55 -11.42 11.31
N GLN A 30 -8.96 -12.60 11.37
CA GLN A 30 -8.68 -13.28 12.62
C GLN A 30 -7.21 -13.11 12.96
N ILE A 31 -6.90 -13.10 14.24
CA ILE A 31 -5.54 -12.90 14.71
C ILE A 31 -5.00 -14.22 15.23
N GLN A 32 -4.03 -14.80 14.49
N GLN A 32 -4.02 -14.79 14.52
CA GLN A 32 -3.29 -15.99 14.90
CA GLN A 32 -3.33 -15.99 14.97
C GLN A 32 -2.38 -15.67 16.08
C GLN A 32 -2.37 -15.66 16.12
N CYS A 33 -1.65 -14.55 16.02
CA CYS A 33 -0.73 -14.14 17.07
C CYS A 33 -0.39 -12.68 16.88
N GLN A 34 0.20 -12.08 17.91
CA GLN A 34 0.66 -10.72 17.83
C GLN A 34 2.13 -10.64 18.19
N THR A 35 2.77 -9.63 17.59
CA THR A 35 4.17 -9.33 17.84
C THR A 35 4.38 -7.83 17.67
N THR A 36 5.64 -7.42 17.75
CA THR A 36 6.01 -6.03 17.53
C THR A 36 6.72 -5.85 16.19
N GLY A 37 6.75 -4.59 15.74
CA GLY A 37 7.32 -4.26 14.45
C GLY A 37 7.37 -2.76 14.31
N THR A 38 7.32 -2.30 13.06
CA THR A 38 7.37 -0.86 12.82
C THR A 38 6.29 -0.15 13.62
N SER A 39 6.62 1.02 14.17
N SER A 39 6.61 1.03 14.15
CA SER A 39 5.62 1.89 14.77
CA SER A 39 5.60 1.90 14.75
C SER A 39 4.76 2.50 13.66
C SER A 39 4.76 2.51 13.65
N VAL A 40 3.46 2.25 13.70
CA VAL A 40 2.48 2.74 12.75
C VAL A 40 1.42 3.50 13.53
N GLN A 41 1.34 4.82 13.28
CA GLN A 41 0.34 5.67 13.93
C GLN A 41 0.38 5.48 15.45
N GLY A 42 1.59 5.34 16.00
CA GLY A 42 1.77 5.27 17.43
C GLY A 42 1.74 3.89 18.06
N SER A 43 1.53 2.83 17.27
CA SER A 43 1.50 1.47 17.80
C SER A 43 2.54 0.62 17.06
N ASN A 44 3.37 -0.10 17.82
CA ASN A 44 4.33 -1.04 17.25
C ASN A 44 3.77 -2.47 17.22
N VAL A 45 2.45 -2.64 17.42
CA VAL A 45 1.88 -3.98 17.46
C VAL A 45 1.46 -4.39 16.05
N TRP A 46 1.81 -5.63 15.69
CA TRP A 46 1.45 -6.25 14.43
C TRP A 46 0.76 -7.59 14.70
N ASP A 47 -0.21 -7.88 13.84
CA ASP A 47 -1.08 -9.04 13.95
C ASP A 47 -0.85 -9.99 12.78
N LYS A 48 -0.58 -11.27 13.08
CA LYS A 48 -0.53 -12.30 12.06
C LYS A 48 -1.97 -12.76 11.81
N THR A 49 -2.44 -12.69 10.56
CA THR A 49 -3.83 -12.96 10.21
C THR A 49 -4.00 -14.43 9.84
N GLN A 50 -5.24 -14.77 9.45
CA GLN A 50 -5.55 -16.11 9.00
C GLN A 50 -4.70 -16.51 7.80
N HIS A 51 -4.14 -15.56 7.04
CA HIS A 51 -3.35 -15.85 5.85
C HIS A 51 -1.85 -15.97 6.16
N GLY A 52 -1.46 -15.82 7.42
CA GLY A 52 -0.09 -16.02 7.83
C GLY A 52 0.83 -14.82 7.62
N CYS A 53 0.28 -13.71 7.14
CA CYS A 53 1.01 -12.47 6.95
C CYS A 53 0.64 -11.49 8.07
N TYR A 54 1.38 -10.37 8.14
CA TYR A 54 1.30 -9.47 9.27
C TYR A 54 0.72 -8.13 8.85
N VAL A 55 -0.23 -7.63 9.67
CA VAL A 55 -0.83 -6.32 9.49
C VAL A 55 -0.55 -5.45 10.72
N ALA A 56 -0.51 -4.13 10.51
CA ALA A 56 -0.33 -3.18 11.58
C ALA A 56 -1.61 -3.10 12.41
N ASP A 57 -1.50 -3.41 13.71
CA ASP A 57 -2.68 -3.52 14.57
C ASP A 57 -3.40 -2.18 14.74
N TYR A 58 -2.72 -1.05 14.56
CA TYR A 58 -3.44 0.21 14.62
C TYR A 58 -4.68 0.16 13.74
N TYR A 59 -4.55 -0.49 12.57
CA TYR A 59 -5.62 -0.52 11.58
C TYR A 59 -6.50 -1.76 11.67
N VAL A 60 -6.47 -2.47 12.81
CA VAL A 60 -7.42 -3.55 13.05
C VAL A 60 -8.29 -3.17 14.25
N LYS A 61 -9.60 -3.11 14.02
CA LYS A 61 -10.50 -2.65 15.06
C LYS A 61 -10.83 -3.79 16.03
N THR A 62 -10.05 -3.86 17.09
CA THR A 62 -10.27 -4.88 18.10
C THR A 62 -10.80 -4.31 19.41
N GLY A 63 -10.65 -3.03 19.64
CA GLY A 63 -10.93 -2.43 20.94
C GLY A 63 -9.74 -2.44 21.91
N HIS A 64 -8.69 -3.21 21.57
CA HIS A 64 -7.50 -3.32 22.40
C HIS A 64 -6.36 -2.52 21.80
N SER A 65 -5.51 -1.96 22.67
CA SER A 65 -4.31 -1.26 22.21
C SER A 65 -3.07 -2.17 22.31
N GLY A 66 -2.83 -2.72 23.49
CA GLY A 66 -1.69 -3.59 23.69
C GLY A 66 -1.97 -5.01 23.21
N ILE A 67 -0.93 -5.80 23.14
CA ILE A 67 -1.07 -7.21 22.81
C ILE A 67 -2.03 -7.86 23.78
N PHE A 68 -2.98 -8.63 23.23
CA PHE A 68 -4.02 -9.24 24.03
C PHE A 68 -4.19 -10.73 23.74
N THR A 69 -3.44 -11.29 22.79
CA THR A 69 -3.60 -12.69 22.51
C THR A 69 -2.22 -13.35 22.40
N THR A 70 -2.20 -14.59 21.93
CA THR A 70 -0.97 -15.37 21.78
C THR A 70 0.12 -14.53 21.13
N LYS A 71 1.33 -14.57 21.70
CA LYS A 71 2.48 -13.91 21.12
C LYS A 71 3.11 -14.80 20.06
N CYS A 72 3.46 -14.19 18.92
CA CYS A 72 4.09 -14.97 17.87
C CYS A 72 5.45 -15.50 18.35
N GLY A 73 5.84 -16.66 17.83
CA GLY A 73 7.17 -17.18 18.13
C GLY A 73 8.25 -16.43 17.36
N SER A 74 9.49 -16.49 17.87
CA SER A 74 10.63 -15.87 17.19
C SER A 74 10.95 -16.68 15.93
N TYR B 1 11.88 10.02 -13.52
CA TYR B 1 11.39 10.96 -12.48
C TYR B 1 11.28 10.22 -11.17
N PRO B 2 11.62 10.85 -10.02
CA PRO B 2 11.55 10.13 -8.76
C PRO B 2 10.13 10.05 -8.21
N VAL B 3 9.80 8.90 -7.61
CA VAL B 3 8.57 8.79 -6.84
C VAL B 3 8.76 9.50 -5.49
N LYS B 4 7.69 10.12 -5.00
CA LYS B 4 7.72 11.02 -3.85
C LYS B 4 7.55 10.30 -2.52
N THR B 5 7.08 9.06 -2.56
CA THR B 5 6.81 8.23 -1.40
C THR B 5 6.87 6.78 -1.87
N ASP B 6 6.73 5.83 -0.94
CA ASP B 6 6.58 4.45 -1.33
C ASP B 6 5.28 4.40 -2.15
N LEU B 7 5.34 3.86 -3.37
CA LEU B 7 4.25 4.08 -4.32
C LEU B 7 3.89 2.78 -5.02
N HIS B 8 2.62 2.40 -4.92
CA HIS B 8 2.17 1.20 -5.60
C HIS B 8 2.10 1.39 -7.11
N CYS B 9 2.39 0.29 -7.82
CA CYS B 9 2.34 0.23 -9.25
C CYS B 9 1.37 -0.89 -9.60
N ARG B 10 0.23 -0.54 -10.20
CA ARG B 10 -0.92 -1.43 -10.28
C ARG B 10 -1.19 -1.90 -11.70
N SER B 11 -2.02 -2.96 -11.81
CA SER B 11 -2.25 -3.60 -13.10
C SER B 11 -3.14 -2.74 -14.01
N SER B 12 -3.91 -1.82 -13.41
CA SER B 12 -4.74 -0.85 -14.10
C SER B 12 -4.66 0.45 -13.31
N PRO B 13 -5.06 1.61 -13.89
CA PRO B 13 -4.98 2.88 -13.15
C PRO B 13 -6.19 3.09 -12.24
N SER B 14 -6.26 2.23 -11.22
CA SER B 14 -7.30 2.24 -10.23
C SER B 14 -6.72 1.82 -8.89
N THR B 15 -7.11 2.52 -7.81
CA THR B 15 -6.63 2.13 -6.48
C THR B 15 -7.21 0.83 -5.97
N SER B 16 -8.12 0.20 -6.73
CA SER B 16 -8.57 -1.12 -6.35
C SER B 16 -7.94 -2.21 -7.24
N ALA B 17 -7.15 -1.82 -8.23
CA ALA B 17 -6.50 -2.80 -9.08
C ALA B 17 -5.33 -3.45 -8.36
N SER B 18 -5.00 -4.67 -8.79
CA SER B 18 -3.94 -5.41 -8.14
C SER B 18 -2.61 -4.67 -8.15
N ILE B 19 -1.88 -4.77 -7.06
CA ILE B 19 -0.54 -4.24 -6.92
C ILE B 19 0.44 -5.22 -7.52
N VAL B 20 1.15 -4.75 -8.55
CA VAL B 20 2.17 -5.52 -9.28
C VAL B 20 3.51 -5.42 -8.52
N ARG B 21 3.85 -4.21 -8.09
CA ARG B 21 5.07 -3.96 -7.35
C ARG B 21 4.86 -2.61 -6.64
N THR B 22 5.74 -2.33 -5.68
CA THR B 22 5.73 -1.08 -4.94
C THR B 22 7.13 -0.50 -4.97
N TYR B 23 7.23 0.74 -5.45
CA TYR B 23 8.51 1.43 -5.54
C TYR B 23 8.80 2.07 -4.19
N SER B 24 10.03 1.93 -3.70
CA SER B 24 10.48 2.66 -2.52
C SER B 24 10.64 4.15 -2.87
N SER B 25 10.37 5.00 -1.89
CA SER B 25 10.45 6.44 -2.05
C SER B 25 11.77 6.80 -2.73
N GLY B 26 11.66 7.70 -3.71
CA GLY B 26 12.78 8.25 -4.46
C GLY B 26 13.20 7.43 -5.66
N THR B 27 12.67 6.22 -5.84
CA THR B 27 13.01 5.39 -6.97
C THR B 27 12.73 6.14 -8.27
N GLU B 28 13.68 6.06 -9.20
CA GLU B 28 13.53 6.62 -10.53
C GLU B 28 12.58 5.76 -11.36
N VAL B 29 11.53 6.37 -11.91
CA VAL B 29 10.65 5.66 -12.84
C VAL B 29 10.61 6.41 -14.18
N GLN B 30 10.55 5.63 -15.25
CA GLN B 30 10.28 6.14 -16.57
C GLN B 30 8.78 6.20 -16.77
N ILE B 31 8.31 7.21 -17.52
CA ILE B 31 6.91 7.31 -17.87
C ILE B 31 6.77 6.99 -19.35
N GLN B 32 6.25 5.79 -19.66
CA GLN B 32 6.05 5.40 -21.06
C GLN B 32 4.86 6.16 -21.66
N CYS B 33 3.80 6.29 -20.89
CA CYS B 33 2.60 6.99 -21.32
C CYS B 33 1.79 7.32 -20.07
N GLN B 34 0.84 8.21 -20.25
CA GLN B 34 -0.03 8.62 -19.17
C GLN B 34 -1.48 8.43 -19.56
N THR B 35 -2.32 8.24 -18.53
CA THR B 35 -3.74 8.08 -18.74
C THR B 35 -4.45 8.62 -17.50
N THR B 36 -5.77 8.42 -17.48
CA THR B 36 -6.58 8.84 -16.34
C THR B 36 -7.09 7.60 -15.59
N GLY B 37 -7.45 7.84 -14.32
CA GLY B 37 -7.90 6.78 -13.45
C GLY B 37 -8.43 7.38 -12.18
N THR B 38 -8.33 6.62 -11.08
CA THR B 38 -8.84 7.09 -9.81
C THR B 38 -8.23 8.44 -9.48
N SER B 39 -9.03 9.36 -8.93
N SER B 39 -9.02 9.32 -8.87
CA SER B 39 -8.48 10.59 -8.38
CA SER B 39 -8.52 10.60 -8.39
C SER B 39 -7.73 10.24 -7.11
C SER B 39 -7.76 10.40 -7.08
N VAL B 40 -6.43 10.57 -7.10
CA VAL B 40 -5.56 10.35 -5.96
C VAL B 40 -5.01 11.69 -5.53
N GLN B 41 -5.39 12.13 -4.32
CA GLN B 41 -4.97 13.40 -3.78
C GLN B 41 -5.20 14.53 -4.79
N GLY B 42 -6.33 14.47 -5.50
CA GLY B 42 -6.72 15.55 -6.39
C GLY B 42 -6.32 15.38 -7.86
N SER B 43 -5.51 14.38 -8.18
CA SER B 43 -5.09 14.16 -9.55
C SER B 43 -5.59 12.82 -10.04
N ASN B 44 -6.28 12.81 -11.20
CA ASN B 44 -6.72 11.59 -11.84
C ASN B 44 -5.70 11.07 -12.86
N VAL B 45 -4.47 11.59 -12.83
CA VAL B 45 -3.47 11.18 -13.82
C VAL B 45 -2.67 10.01 -13.26
N TRP B 46 -2.50 9.00 -14.12
CA TRP B 46 -1.72 7.81 -13.84
C TRP B 46 -0.64 7.64 -14.91
N ASP B 47 0.52 7.16 -14.47
CA ASP B 47 1.69 7.00 -15.30
C ASP B 47 2.01 5.52 -15.46
N LYS B 48 2.15 5.06 -16.70
CA LYS B 48 2.60 3.70 -16.96
C LYS B 48 4.12 3.73 -16.94
N THR B 49 4.75 2.96 -16.04
CA THR B 49 6.18 3.00 -15.84
C THR B 49 6.88 2.02 -16.78
N GLN B 50 8.20 1.97 -16.69
CA GLN B 50 8.98 1.02 -17.46
C GLN B 50 8.49 -0.42 -17.25
N HIS B 51 7.89 -0.68 -16.08
CA HIS B 51 7.51 -2.02 -15.71
C HIS B 51 6.08 -2.38 -16.16
N GLY B 52 5.42 -1.48 -16.89
CA GLY B 52 4.14 -1.78 -17.52
C GLY B 52 2.94 -1.66 -16.61
N CYS B 53 3.18 -1.26 -15.37
CA CYS B 53 2.14 -1.02 -14.37
C CYS B 53 1.96 0.49 -14.20
N TYR B 54 0.88 0.85 -13.50
CA TYR B 54 0.44 2.22 -13.41
C TYR B 54 0.62 2.77 -12.00
N VAL B 55 1.16 3.99 -11.89
CA VAL B 55 1.32 4.68 -10.64
C VAL B 55 0.53 5.99 -10.68
N ALA B 56 0.07 6.42 -9.52
CA ALA B 56 -0.62 7.69 -9.40
C ALA B 56 0.38 8.84 -9.53
N ASP B 57 0.15 9.70 -10.54
CA ASP B 57 1.08 10.76 -10.89
C ASP B 57 1.23 11.81 -9.78
N TYR B 58 0.22 11.94 -8.88
CA TYR B 58 0.39 12.83 -7.76
C TYR B 58 1.70 12.57 -7.04
N TYR B 59 2.10 11.30 -6.98
CA TYR B 59 3.28 10.91 -6.23
C TYR B 59 4.51 10.73 -7.11
N VAL B 60 4.54 11.32 -8.30
CA VAL B 60 5.73 11.29 -9.15
C VAL B 60 6.16 12.72 -9.43
N LYS B 61 7.43 13.03 -9.13
CA LYS B 61 7.91 14.39 -9.32
C LYS B 61 8.32 14.61 -10.78
N THR B 62 7.36 15.03 -11.60
CA THR B 62 7.59 15.16 -13.04
C THR B 62 7.82 16.59 -13.50
N GLY B 63 7.59 17.57 -12.63
CA GLY B 63 7.62 18.97 -13.01
C GLY B 63 6.43 19.37 -13.88
N HIS B 64 5.38 18.55 -13.89
CA HIS B 64 4.15 18.84 -14.61
C HIS B 64 2.95 18.50 -13.73
N SER B 65 1.89 19.29 -13.84
CA SER B 65 0.71 19.08 -13.02
C SER B 65 -0.13 17.90 -13.49
N GLY B 66 -0.02 17.57 -14.77
CA GLY B 66 -0.83 16.47 -15.28
C GLY B 66 -0.17 15.81 -16.48
N ILE B 67 -0.97 15.54 -17.51
CA ILE B 67 -0.47 14.79 -18.65
C ILE B 67 0.43 15.69 -19.48
N PHE B 68 1.63 15.19 -19.80
CA PHE B 68 2.58 15.98 -20.57
C PHE B 68 3.33 15.13 -21.60
N THR B 69 3.14 13.81 -21.63
CA THR B 69 3.75 12.94 -22.62
C THR B 69 2.66 12.15 -23.33
N THR B 70 3.05 11.12 -24.07
CA THR B 70 2.15 10.28 -24.84
C THR B 70 1.00 9.80 -23.97
N LYS B 71 -0.23 9.86 -24.48
CA LYS B 71 -1.36 9.27 -23.80
C LYS B 71 -1.43 7.79 -24.13
N CYS B 72 -1.64 6.95 -23.11
CA CYS B 72 -1.68 5.52 -23.37
C CYS B 72 -2.84 5.19 -24.32
N GLY B 73 -2.60 4.23 -25.21
CA GLY B 73 -3.58 3.89 -26.24
C GLY B 73 -4.82 3.21 -25.67
N SER B 74 -5.89 3.25 -26.48
CA SER B 74 -7.20 2.70 -26.13
C SER B 74 -7.14 1.19 -25.86
N GLY C 1 -2.32 1.26 0.01
CA GLY C 1 -3.02 0.96 1.28
C GLY C 1 -2.18 1.39 2.46
N GLY C 2 -2.81 1.37 3.63
CA GLY C 2 -2.13 1.68 4.87
C GLY C 2 -1.35 0.49 5.40
N GLY C 3 -0.47 0.80 6.36
CA GLY C 3 0.33 -0.23 7.02
C GLY C 3 1.40 -0.84 6.10
N GLY D 1 1.79 1.64 1.14
CA GLY D 1 2.32 2.70 0.26
C GLY D 1 1.18 3.56 -0.24
N GLY D 2 1.57 4.69 -0.85
CA GLY D 2 0.58 5.58 -1.45
C GLY D 2 0.14 5.07 -2.81
N GLY D 3 -0.99 5.61 -3.26
CA GLY D 3 -1.51 5.35 -4.59
C GLY D 3 -2.04 3.93 -4.74
#